data_5M6F
#
_entry.id   5M6F
#
_cell.length_a   71.688
_cell.length_b   71.688
_cell.length_c   106.015
_cell.angle_alpha   90.00
_cell.angle_beta   90.00
_cell.angle_gamma   90.00
#
_symmetry.space_group_name_H-M   'P 41 2 2'
#
loop_
_entity.id
_entity.type
_entity.pdbx_description
1 polymer 'E3 ubiquitin-protein ligase XIAP'
2 non-polymer 'ZINC ION'
3 non-polymer 'SODIUM ION'
4 non-polymer 1-[3,3-dimethyl-6-(phenylmethyl)-2~{H}-pyrrolo[3,2-b]pyridin-1-yl]-2-[(2~{R},5~{R})-2-(methoxymethyl)-5-methyl-piperazin-4-ium-1-yl]ethanone
5 water water
#
_entity_poly.entity_id   1
_entity_poly.type   'polypeptide(L)'
_entity_poly.pdbx_seq_one_letter_code
;MGSSHHHHHHSSGLVPRGSHMNFPNSTNLPRNPSMADYEARIFTFGTWIYSVNKEQLARAGFYALGEGDKVKCFHCGGGL
TDWKPSEDPWEQHAKWYPGCKYLLEQKGQEYINNIHLTHSLEECLVR
;
_entity_poly.pdbx_strand_id   A
#
loop_
_chem_comp.id
_chem_comp.type
_chem_comp.name
_chem_comp.formula
7HU non-polymer 1-[3,3-dimethyl-6-(phenylmethyl)-2~{H}-pyrrolo[3,2-b]pyridin-1-yl]-2-[(2~{R},5~{R})-2-(methoxymethyl)-5-methyl-piperazin-4-ium-1-yl]ethanone 'C25 H35 N4 O2 1'
NA non-polymer 'SODIUM ION' 'Na 1'
ZN non-polymer 'ZINC ION' 'Zn 2'
#
# COMPACT_ATOMS: atom_id res chain seq x y z
N MET A 21 -9.74 5.64 9.69
CA MET A 21 -10.59 6.63 10.38
C MET A 21 -10.92 7.91 9.52
N ASN A 22 -10.10 8.20 8.47
CA ASN A 22 -10.46 9.14 7.38
C ASN A 22 -10.93 8.31 6.19
N PHE A 23 -11.83 8.84 5.37
CA PHE A 23 -12.31 8.10 4.22
C PHE A 23 -11.17 7.85 3.21
N PRO A 24 -11.14 6.71 2.48
CA PRO A 24 -10.03 6.51 1.50
C PRO A 24 -10.12 7.46 0.31
N ASN A 25 -9.01 7.97 -0.19
CA ASN A 25 -9.12 8.82 -1.37
C ASN A 25 -9.34 7.93 -2.60
N SER A 26 -10.48 8.14 -3.27
CA SER A 26 -10.76 7.40 -4.47
C SER A 26 -10.66 8.20 -5.73
N THR A 27 -10.13 9.42 -5.68
CA THR A 27 -9.93 10.23 -6.90
C THR A 27 -8.61 9.95 -7.56
N ASN A 28 -8.40 10.54 -8.74
CA ASN A 28 -7.18 10.28 -9.49
C ASN A 28 -6.08 11.24 -9.09
N LEU A 29 -6.33 12.02 -8.03
CA LEU A 29 -5.34 12.94 -7.49
C LEU A 29 -4.83 12.45 -6.15
N PRO A 30 -3.49 12.39 -5.98
CA PRO A 30 -2.92 11.93 -4.71
C PRO A 30 -3.31 12.80 -3.52
N ARG A 31 -3.58 12.20 -2.36
CA ARG A 31 -3.83 12.91 -1.13
C ARG A 31 -2.55 13.56 -0.58
N ASN A 32 -1.40 12.91 -0.79
CA ASN A 32 -0.15 13.45 -0.33
C ASN A 32 0.83 13.60 -1.52
N PRO A 33 0.68 14.65 -2.36
CA PRO A 33 1.66 14.86 -3.46
C PRO A 33 3.16 15.01 -3.05
N SER A 34 3.49 15.41 -1.81
CA SER A 34 4.90 15.43 -1.35
C SER A 34 5.58 14.05 -1.35
N MET A 35 4.76 13.00 -1.20
CA MET A 35 5.19 11.61 -1.23
C MET A 35 4.95 10.89 -2.58
N ALA A 36 4.70 11.64 -3.66
CA ALA A 36 4.43 11.09 -5.00
C ALA A 36 5.65 10.46 -5.68
N ASP A 37 6.86 10.92 -5.33
CA ASP A 37 8.09 10.34 -5.89
C ASP A 37 8.60 9.18 -5.06
N TYR A 38 9.01 8.12 -5.76
CA TYR A 38 9.58 6.95 -5.11
C TYR A 38 10.63 7.35 -4.06
N GLU A 39 11.59 8.21 -4.45
CA GLU A 39 12.69 8.55 -3.59
C GLU A 39 12.24 9.32 -2.36
N ALA A 40 11.24 10.22 -2.48
CA ALA A 40 10.70 10.90 -1.29
C ALA A 40 10.22 9.86 -0.25
N ARG A 41 9.42 8.88 -0.70
CA ARG A 41 8.92 7.77 0.10
C ARG A 41 10.06 6.99 0.72
N ILE A 42 11.09 6.66 -0.06
CA ILE A 42 12.19 5.82 0.40
C ILE A 42 12.88 6.48 1.60
N PHE A 43 13.11 7.80 1.57
CA PHE A 43 13.75 8.55 2.67
C PHE A 43 13.03 8.48 4.03
N THR A 44 11.72 8.18 4.03
CA THR A 44 10.92 8.22 5.27
C THR A 44 11.26 7.05 6.20
N PHE A 45 11.74 5.91 5.63
CA PHE A 45 11.99 4.68 6.35
C PHE A 45 13.18 4.79 7.33
N GLY A 46 14.28 5.40 6.87
CA GLY A 46 15.57 5.37 7.55
C GLY A 46 16.07 3.95 7.68
N THR A 47 16.83 3.60 8.74
CA THR A 47 17.13 2.20 9.02
C THR A 47 15.83 1.42 9.35
N TRP A 48 15.57 0.34 8.60
CA TRP A 48 14.27 -0.33 8.63
C TRP A 48 14.45 -1.78 9.10
N ILE A 49 13.95 -2.10 10.33
CA ILE A 49 14.22 -3.39 11.00
C ILE A 49 13.15 -4.46 10.70
N TYR A 50 12.09 -4.08 10.00
CA TYR A 50 10.88 -4.87 9.88
C TYR A 50 10.93 -5.90 8.77
N SER A 51 9.95 -6.84 8.83
CA SER A 51 9.87 -8.08 8.04
C SER A 51 9.83 -7.75 6.53
N VAL A 52 9.14 -6.67 6.21
CA VAL A 52 8.84 -6.30 4.84
C VAL A 52 9.85 -5.26 4.32
N ASN A 53 10.32 -5.50 3.11
CA ASN A 53 11.27 -4.76 2.30
C ASN A 53 10.72 -3.34 2.03
N LYS A 54 11.52 -2.31 2.40
CA LYS A 54 11.16 -0.91 2.30
C LYS A 54 11.07 -0.44 0.86
N GLU A 55 11.93 -0.98 -0.02
CA GLU A 55 11.80 -0.66 -1.45
C GLU A 55 10.51 -1.24 -2.09
N GLN A 56 10.12 -2.45 -1.68
CA GLN A 56 8.87 -3.09 -2.11
C GLN A 56 7.68 -2.29 -1.62
N LEU A 57 7.72 -1.78 -0.38
CA LEU A 57 6.70 -0.88 0.18
C LEU A 57 6.63 0.47 -0.55
N ALA A 58 7.79 1.14 -0.75
CA ALA A 58 7.84 2.38 -1.51
C ALA A 58 7.33 2.22 -2.94
N ARG A 59 7.61 1.08 -3.60
CA ARG A 59 7.09 0.75 -4.95
C ARG A 59 5.58 0.60 -4.97
N ALA A 60 4.98 0.05 -3.87
CA ALA A 60 3.54 -0.09 -3.70
C ALA A 60 2.87 1.22 -3.22
N GLY A 61 3.63 2.32 -3.25
CA GLY A 61 3.15 3.66 -2.93
C GLY A 61 3.20 4.01 -1.45
N PHE A 62 3.76 3.13 -0.63
CA PHE A 62 3.82 3.37 0.82
C PHE A 62 5.03 4.22 1.28
N TYR A 63 4.82 5.02 2.33
CA TYR A 63 5.96 5.70 3.02
C TYR A 63 5.80 5.48 4.50
N ALA A 64 6.92 5.48 5.25
CA ALA A 64 6.89 5.21 6.69
C ALA A 64 6.36 6.42 7.48
N LEU A 65 5.56 6.14 8.53
CA LEU A 65 5.17 7.18 9.48
C LEU A 65 6.20 7.41 10.63
N GLY A 66 7.09 6.46 10.86
CA GLY A 66 8.06 6.55 11.94
C GLY A 66 7.55 6.03 13.27
N GLU A 67 6.41 5.31 13.23
CA GLU A 67 5.80 4.63 14.40
C GLU A 67 5.63 3.13 14.08
N GLY A 68 6.53 2.32 14.63
CA GLY A 68 6.68 0.92 14.21
C GLY A 68 6.79 0.75 12.70
N ASP A 69 6.03 -0.20 12.17
CA ASP A 69 6.00 -0.43 10.71
C ASP A 69 4.71 0.17 10.08
N LYS A 70 4.11 1.21 10.71
CA LYS A 70 3.00 1.97 10.10
C LYS A 70 3.44 2.63 8.83
N VAL A 71 2.69 2.38 7.76
CA VAL A 71 2.86 2.97 6.42
C VAL A 71 1.55 3.60 5.95
N LYS A 72 1.63 4.58 5.08
CA LYS A 72 0.44 5.15 4.42
C LYS A 72 0.74 5.23 2.95
N CYS A 73 -0.29 5.00 2.10
CA CYS A 73 -0.16 5.23 0.65
C CYS A 73 -0.26 6.72 0.42
N PHE A 74 0.65 7.23 -0.46
CA PHE A 74 0.68 8.66 -0.83
C PHE A 74 -0.57 9.07 -1.55
N HIS A 75 -1.27 8.11 -2.20
CA HIS A 75 -2.37 8.44 -3.09
C HIS A 75 -3.70 8.34 -2.38
N CYS A 76 -4.02 7.18 -1.84
CA CYS A 76 -5.30 6.92 -1.21
C CYS A 76 -5.30 7.36 0.25
N GLY A 77 -4.11 7.54 0.82
CA GLY A 77 -3.98 7.88 2.23
C GLY A 77 -4.11 6.65 3.12
N GLY A 78 -4.30 5.47 2.52
CA GLY A 78 -4.53 4.25 3.25
C GLY A 78 -3.38 3.77 4.10
N GLY A 79 -3.69 3.46 5.35
CA GLY A 79 -2.74 3.05 6.36
C GLY A 79 -2.75 1.57 6.70
N LEU A 80 -1.54 1.00 6.89
CA LEU A 80 -1.32 -0.40 7.18
C LEU A 80 -0.23 -0.57 8.23
N THR A 81 -0.35 -1.60 9.06
CA THR A 81 0.62 -1.88 10.12
C THR A 81 0.81 -3.37 10.31
N ASP A 82 1.77 -3.77 11.17
CA ASP A 82 2.01 -5.13 11.62
C ASP A 82 2.23 -6.07 10.47
N TRP A 83 3.27 -5.78 9.72
CA TRP A 83 3.70 -6.53 8.54
C TRP A 83 4.32 -7.89 8.93
N LYS A 84 3.62 -8.98 8.59
CA LYS A 84 4.10 -10.36 8.68
C LYS A 84 4.95 -10.66 7.43
N PRO A 85 5.93 -11.60 7.53
CA PRO A 85 6.81 -11.88 6.36
C PRO A 85 6.06 -12.40 5.14
N SER A 86 4.92 -13.10 5.35
CA SER A 86 4.00 -13.62 4.30
C SER A 86 3.07 -12.55 3.63
N GLU A 87 3.10 -11.30 4.10
CA GLU A 87 2.16 -10.25 3.65
C GLU A 87 2.82 -9.37 2.64
N ASP A 88 2.22 -9.29 1.45
CA ASP A 88 2.82 -8.58 0.33
C ASP A 88 2.27 -7.13 0.24
N PRO A 89 3.15 -6.11 0.10
CA PRO A 89 2.67 -4.70 -0.05
C PRO A 89 1.53 -4.47 -1.03
N TRP A 90 1.61 -4.97 -2.26
CA TRP A 90 0.57 -4.72 -3.27
C TRP A 90 -0.73 -5.44 -2.96
N GLU A 91 -0.60 -6.69 -2.52
CA GLU A 91 -1.73 -7.51 -2.08
C GLU A 91 -2.51 -6.89 -0.94
N GLN A 92 -1.77 -6.35 0.05
CA GLN A 92 -2.37 -5.67 1.21
C GLN A 92 -3.03 -4.35 0.81
N HIS A 93 -2.40 -3.62 -0.11
CA HIS A 93 -2.90 -2.38 -0.66
C HIS A 93 -4.25 -2.65 -1.35
N ALA A 94 -4.30 -3.71 -2.19
CA ALA A 94 -5.55 -4.14 -2.84
C ALA A 94 -6.60 -4.65 -1.83
N LYS A 95 -6.17 -5.39 -0.83
CA LYS A 95 -7.13 -5.96 0.13
C LYS A 95 -7.91 -4.85 0.82
N TRP A 96 -7.19 -3.87 1.35
CA TRP A 96 -7.70 -2.89 2.29
C TRP A 96 -8.13 -1.61 1.64
N TYR A 97 -7.45 -1.25 0.51
CA TYR A 97 -7.75 -0.02 -0.22
C TYR A 97 -8.05 -0.27 -1.67
N PRO A 98 -9.11 -1.09 -1.95
CA PRO A 98 -9.41 -1.46 -3.35
C PRO A 98 -9.76 -0.32 -4.32
N GLY A 99 -10.10 0.85 -3.76
CA GLY A 99 -10.55 2.01 -4.53
C GLY A 99 -9.41 2.96 -4.91
N CYS A 100 -8.18 2.66 -4.50
CA CYS A 100 -7.02 3.48 -4.79
C CYS A 100 -6.70 3.55 -6.27
N LYS A 101 -6.64 4.76 -6.80
CA LYS A 101 -6.39 4.95 -8.23
C LYS A 101 -4.94 4.69 -8.66
N TYR A 102 -4.01 4.92 -7.76
CA TYR A 102 -2.61 4.54 -7.91
C TYR A 102 -2.45 3.03 -8.04
N LEU A 103 -3.04 2.25 -7.11
CA LEU A 103 -3.10 0.79 -7.18
C LEU A 103 -3.59 0.36 -8.61
N LEU A 104 -4.70 0.95 -9.06
CA LEU A 104 -5.27 0.65 -10.38
C LEU A 104 -4.33 0.98 -11.56
N GLU A 105 -3.63 2.14 -11.53
CA GLU A 105 -2.69 2.55 -12.56
CA GLU A 105 -2.73 2.48 -12.62
C GLU A 105 -1.57 1.50 -12.69
N GLN A 106 -0.99 1.12 -11.57
CA GLN A 106 0.20 0.26 -11.52
C GLN A 106 -0.09 -1.20 -11.75
N LYS A 107 -1.24 -1.66 -11.26
CA LYS A 107 -1.46 -3.09 -11.21
C LYS A 107 -2.52 -3.59 -12.19
N GLY A 108 -3.49 -2.73 -12.50
CA GLY A 108 -4.61 -3.13 -13.34
C GLY A 108 -5.72 -3.80 -12.56
N GLN A 109 -6.96 -3.75 -13.10
CA GLN A 109 -8.16 -4.34 -12.45
C GLN A 109 -8.10 -5.91 -12.48
N GLU A 110 -7.49 -6.52 -13.52
CA GLU A 110 -7.34 -7.98 -13.64
C GLU A 110 -6.61 -8.57 -12.40
N TYR A 111 -5.41 -8.00 -12.08
CA TYR A 111 -4.64 -8.26 -10.86
C TYR A 111 -5.48 -8.04 -9.66
N ILE A 112 -6.16 -6.90 -9.62
CA ILE A 112 -6.90 -6.45 -8.41
C ILE A 112 -8.04 -7.46 -8.14
N ASN A 113 -8.71 -7.89 -9.18
CA ASN A 113 -9.75 -8.91 -9.13
C ASN A 113 -9.26 -10.22 -8.53
N ASN A 114 -8.12 -10.78 -9.06
CA ASN A 114 -7.44 -11.99 -8.58
C ASN A 114 -7.24 -11.94 -7.11
N ILE A 115 -6.61 -10.84 -6.65
CA ILE A 115 -6.28 -10.61 -5.25
C ILE A 115 -7.54 -10.68 -4.41
N HIS A 116 -8.64 -10.07 -4.85
CA HIS A 116 -9.90 -10.00 -4.08
C HIS A 116 -10.47 -11.36 -3.96
N LEU A 117 -10.60 -12.04 -5.11
CA LEU A 117 -11.05 -13.44 -5.18
C LEU A 117 -10.26 -14.36 -4.32
N THR A 118 -8.94 -14.20 -4.30
CA THR A 118 -8.05 -15.03 -3.50
C THR A 118 -8.32 -14.84 -2.01
N HIS A 119 -8.46 -13.58 -1.56
CA HIS A 119 -8.70 -13.18 -0.17
C HIS A 119 -10.06 -13.67 0.30
N SER A 120 -11.10 -13.31 -0.47
CA SER A 120 -12.46 -13.75 -0.26
C SER A 120 -12.62 -15.28 -0.30
N LEU A 121 -11.78 -16.04 -1.04
CA LEU A 121 -11.74 -17.52 -0.98
C LEU A 121 -10.83 -18.04 0.13
N GLU A 122 -9.89 -17.21 0.63
CA GLU A 122 -9.00 -17.65 1.73
C GLU A 122 -9.81 -17.94 3.01
N GLU A 123 -10.86 -17.10 3.23
CA GLU A 123 -11.88 -17.16 4.27
C GLU A 123 -12.64 -18.51 4.30
N CYS A 124 -13.21 -18.93 3.14
CA CYS A 124 -13.92 -20.20 2.95
C CYS A 124 -13.12 -21.30 3.65
N LEU A 125 -11.88 -21.55 3.21
CA LEU A 125 -11.05 -22.65 3.77
C LEU A 125 -10.53 -22.33 5.17
ZN ZN B . -3.30 3.66 -2.32
NA NA C . 12.80 5.27 10.99
C1 7HU D . -6.14 -6.05 11.11
C3 7HU D . -4.09 -6.65 10.07
C5 7HU D . -1.85 -7.04 9.28
C7 7HU D . -1.02 -6.08 7.16
C8 7HU D . 0.21 -5.53 6.48
C11 7HU D . -4.34 -4.46 8.00
C12 7HU D . -4.08 -3.16 8.74
C15 7HU D . -6.50 -2.71 8.51
C16 7HU D . -7.38 -1.47 8.84
C19 7HU D . -6.50 -0.63 9.68
C21 7HU D . -5.85 1.08 11.06
C22 7HU D . -4.55 0.63 11.16
C23 7HU D . -3.50 1.37 11.98
C24 7HU D . -2.87 2.48 11.20
C25 7HU D . -1.88 2.21 10.27
C26 7HU D . -1.30 3.23 9.54
C27 7HU D . -1.70 4.54 9.72
C28 7HU D . -2.68 4.82 10.64
C31 7HU D . -5.20 -1.18 9.72
O2 7HU D . -4.78 -5.70 10.87
C4 7HU D . -2.90 -5.96 9.40
C9 7HU D . -2.11 -5.03 7.26
N10 7HU D . -3.26 -5.45 8.06
O13 7HU D . -2.96 -2.85 9.09
N14 7HU D . -5.15 -2.36 8.97
C17 7HU D . -7.79 -0.75 7.55
C18 7HU D . -8.63 -1.92 9.57
N20 7HU D . -6.81 0.48 10.35
C29 7HU D . -3.27 3.80 11.37
C30 7HU D . -4.23 -0.52 10.47
H34 7HU D . -6.43 -5.86 12.15
H32 7HU D . -6.41 -7.08 10.85
H33 7HU D . -6.71 -5.37 10.47
H35 7HU D . -4.73 -7.10 9.32
H36 7HU D . -3.77 -7.48 10.69
H38 7HU D . -2.22 -7.92 8.77
H39 7HU D . -1.54 -7.37 10.27
H42 7HU D . -1.37 -6.95 6.61
H45 7HU D . 1.07 -5.41 7.13
H43 7HU D . 0.07 -4.55 6.05
H44 7HU D . 0.52 -6.17 5.65
H49 7HU D . -4.55 -4.23 6.95
H48 7HU D . -5.25 -4.99 8.32
H51 7HU D . -6.49 -2.92 7.44
H50 7HU D . -6.87 -3.60 9.01
H58 7HU D . -6.19 1.99 11.56
H60 7HU D . -3.98 1.78 12.87
H59 7HU D . -2.73 0.70 12.35
H61 7HU D . -1.55 1.19 10.11
H62 7HU D . -0.52 3.01 8.82
H63 7HU D . -1.24 5.33 9.14
H64 7HU D . -3.01 5.84 10.79
H37 7HU D . -2.50 -5.22 10.09
H40 7HU D . -0.26 -5.75 9.05
H47 7HU D . -1.65 -4.08 7.52
H46 7HU D . -2.45 -4.87 6.24
H52 7HU D . -8.12 0.26 7.75
H53 7HU D . -8.62 -1.25 7.05
H54 7HU D . -6.98 -0.70 6.82
H57 7HU D . -9.43 -1.18 9.48
H55 7HU D . -8.44 -2.05 10.64
N6 7HU D . -0.66 -6.53 8.53
H56 7HU D . -9.02 -2.86 9.18
H65 7HU D . -4.05 4.04 12.09
H66 7HU D . -3.21 -0.91 10.53
H41 7HU D . 0.06 -7.25 8.49
#